data_3A5V
#
_entry.id   3A5V
#
_cell.length_a   142.470
_cell.length_b   142.470
_cell.length_c   130.580
_cell.angle_alpha   90.00
_cell.angle_beta   90.00
_cell.angle_gamma   90.00
#
_symmetry.space_group_name_H-M   'I 4 2 2'
#
loop_
_entity.id
_entity.type
_entity.pdbx_description
1 polymer Alpha-galactosidase
2 branched alpha-D-mannopyranose-(1-3)-[alpha-D-mannopyranose-(1-6)]alpha-D-mannopyranose-(1-6)-[alpha-D-mannopyranose-(1-3)]beta-D-mannopyranose-(1-4)-2-acetamido-2-deoxy-beta-D-glucopyranose-(1-4)-2-acetamido-2-deoxy-beta-D-glucopyranose
3 branched 2-acetamido-2-deoxy-beta-D-glucopyranose-(1-4)-2-acetamido-2-deoxy-beta-D-glucopyranose
4 branched beta-D-mannopyranose-(1-4)-2-acetamido-2-deoxy-beta-D-glucopyranose-(1-4)-2-acetamido-2-deoxy-beta-D-glucopyranose
5 non-polymer 2-(2-{2-[2-(2-METHOXY-ETHOXY)-ETHOXY]-ETHOXY}-ETHOXY)-ETHANOL
6 non-polymer 2-AMINO-2-HYDROXYMETHYL-PROPANE-1,3-DIOL
7 water water
#
_entity_poly.entity_id   1
_entity_poly.type   'polypeptide(L)'
_entity_poly.pdbx_seq_one_letter_code
;ANNGLAITPQMGWNTWNKYGCNVDEQLILDAAKAIASSGLKDLGYNYVIIDDCWQKNERESSKTLLADPTKFPRGIKPLV
DDIHNLGLKAGIYSSAGTLTCGGHIASLGYEDIDAKTWAKWGIDYLKYDNCYNQGQSGTPKLSYDRYKAMGNALNKTGRP
MLYSLCNWGEDGPWNFASTISNSWRISGDVYDNFNRPDPACPCTTYDCVLAGFRCSVMNIINKAVAVSQKARSGGWNDLD
MLEVGNGGMNQEEYRVHYTIWAALKSPLILGNDVTNITNTTKEIIMNKEVIAVNQDSSFSPANRIWVKGDQQLFSGNLAN
NTQVVILLNAGDSAAKMTATWDDIWVYNLPNVDSSRSIEVRDLWKQKSLGNFSNHITLDVPAHGVRLLKFMDSATSS
;
_entity_poly.pdbx_strand_id   A
#
# COMPACT_ATOMS: atom_id res chain seq x y z
N ALA A 1 -7.74 -3.63 -12.42
CA ALA A 1 -7.67 -3.87 -13.89
C ALA A 1 -7.35 -5.34 -14.19
N ASN A 2 -7.89 -5.81 -15.31
CA ASN A 2 -7.72 -7.20 -15.80
C ASN A 2 -6.53 -7.26 -16.75
N ASN A 3 -5.33 -7.01 -16.22
CA ASN A 3 -4.10 -7.03 -17.02
C ASN A 3 -3.10 -8.09 -16.53
N GLY A 4 -3.57 -9.03 -15.73
CA GLY A 4 -2.69 -10.08 -15.21
C GLY A 4 -1.77 -9.68 -14.06
N LEU A 5 -1.88 -8.42 -13.60
CA LEU A 5 -0.96 -7.93 -12.58
C LEU A 5 -1.69 -7.60 -11.28
N ALA A 6 -0.92 -7.50 -10.19
CA ALA A 6 -1.50 -7.23 -8.85
C ALA A 6 -2.69 -8.15 -8.51
N ILE A 7 -2.53 -9.45 -8.83
CA ILE A 7 -3.56 -10.44 -8.50
C ILE A 7 -3.76 -10.46 -6.97
N THR A 8 -2.64 -10.32 -6.27
CA THR A 8 -2.60 -9.97 -4.85
C THR A 8 -1.97 -8.56 -4.81
N PRO A 9 -2.11 -7.85 -3.68
CA PRO A 9 -1.48 -6.53 -3.62
C PRO A 9 0.04 -6.57 -3.89
N GLN A 10 0.55 -5.58 -4.62
CA GLN A 10 2.00 -5.50 -4.88
C GLN A 10 2.81 -5.25 -3.60
N MET A 11 4.06 -5.73 -3.58
CA MET A 11 4.96 -5.50 -2.47
C MET A 11 6.29 -5.02 -3.04
N GLY A 12 6.97 -4.15 -2.30
CA GLY A 12 8.21 -3.58 -2.84
C GLY A 12 8.79 -2.53 -1.93
N TRP A 13 9.56 -1.64 -2.54
CA TRP A 13 10.30 -0.59 -1.84
C TRP A 13 10.46 0.61 -2.79
N ASN A 14 10.46 1.81 -2.22
CA ASN A 14 10.44 3.08 -2.97
C ASN A 14 11.56 4.00 -2.46
N THR A 15 12.24 4.67 -3.39
CA THR A 15 13.45 5.48 -3.09
C THR A 15 13.21 6.77 -2.30
N TRP A 16 11.97 7.27 -2.27
CA TRP A 16 11.73 8.65 -1.80
C TRP A 16 12.15 8.93 -0.35
N ASN A 17 11.59 8.20 0.60
CA ASN A 17 11.79 8.53 2.02
C ASN A 17 13.26 8.54 2.43
N LYS A 18 14.01 7.56 1.97
CA LYS A 18 15.42 7.47 2.30
C LYS A 18 16.29 8.45 1.48
N TYR A 19 16.11 8.49 0.17
CA TYR A 19 17.07 9.19 -0.70
C TYR A 19 16.57 10.50 -1.27
N GLY A 20 15.25 10.64 -1.37
CA GLY A 20 14.65 11.85 -1.93
C GLY A 20 15.25 12.26 -3.26
N CYS A 21 15.60 13.54 -3.37
CA CYS A 21 16.22 14.05 -4.57
C CYS A 21 17.72 13.72 -4.69
N ASN A 22 18.32 13.11 -3.67
CA ASN A 22 19.69 12.60 -3.82
C ASN A 22 19.74 11.20 -4.46
N VAL A 23 18.61 10.72 -4.95
CA VAL A 23 18.57 9.40 -5.59
C VAL A 23 19.56 9.33 -6.79
N ASP A 24 20.24 8.20 -6.94
CA ASP A 24 21.10 7.99 -8.10
C ASP A 24 21.25 6.49 -8.37
N GLU A 25 21.91 6.16 -9.48
CA GLU A 25 22.10 4.77 -9.90
C GLU A 25 22.69 3.88 -8.81
N GLN A 26 23.74 4.34 -8.14
CA GLN A 26 24.46 3.49 -7.17
C GLN A 26 23.65 3.20 -5.92
N LEU A 27 22.94 4.21 -5.42
CA LEU A 27 22.08 4.03 -4.26
C LEU A 27 20.94 3.05 -4.55
N ILE A 28 20.36 3.16 -5.74
CA ILE A 28 19.29 2.24 -6.13
C ILE A 28 19.83 0.80 -6.22
N LEU A 29 21.00 0.64 -6.84
CA LEU A 29 21.60 -0.68 -7.02
C LEU A 29 21.98 -1.29 -5.67
N ASP A 30 22.51 -0.48 -4.75
CA ASP A 30 22.81 -0.98 -3.40
C ASP A 30 21.56 -1.38 -2.61
N ALA A 31 20.48 -0.61 -2.77
CA ALA A 31 19.21 -0.95 -2.10
C ALA A 31 18.62 -2.25 -2.68
N ALA A 32 18.68 -2.41 -4.01
CA ALA A 32 18.15 -3.64 -4.66
C ALA A 32 18.91 -4.86 -4.17
N LYS A 33 20.24 -4.73 -4.02
CA LYS A 33 21.08 -5.83 -3.52
C LYS A 33 20.79 -6.15 -2.06
N ALA A 34 20.52 -5.11 -1.26
CA ALA A 34 20.10 -5.30 0.13
C ALA A 34 18.71 -5.99 0.23
N ILE A 35 17.76 -5.55 -0.60
CA ILE A 35 16.44 -6.19 -0.71
C ILE A 35 16.58 -7.69 -1.02
N ALA A 36 17.42 -8.04 -2.01
CA ALA A 36 17.67 -9.44 -2.32
C ALA A 36 18.39 -10.18 -1.19
N SER A 37 19.45 -9.59 -0.66
CA SER A 37 20.32 -10.30 0.32
C SER A 37 19.68 -10.44 1.70
N SER A 38 18.87 -9.45 2.10
CA SER A 38 18.24 -9.48 3.41
C SER A 38 17.12 -10.51 3.50
N GLY A 39 16.64 -11.00 2.37
CA GLY A 39 15.49 -11.92 2.36
C GLY A 39 14.16 -11.27 1.98
N LEU A 40 14.14 -9.94 1.88
CA LEU A 40 12.91 -9.21 1.53
C LEU A 40 12.36 -9.63 0.17
N LYS A 41 13.25 -9.79 -0.82
CA LYS A 41 12.81 -10.27 -2.11
C LYS A 41 12.00 -11.57 -2.02
N ASP A 42 12.55 -12.57 -1.34
CA ASP A 42 11.89 -13.87 -1.27
C ASP A 42 10.64 -13.85 -0.40
N LEU A 43 10.52 -12.87 0.49
CA LEU A 43 9.27 -12.67 1.24
C LEU A 43 8.14 -12.11 0.36
N GLY A 44 8.49 -11.52 -0.78
CA GLY A 44 7.49 -10.99 -1.71
C GLY A 44 7.73 -9.55 -2.15
N TYR A 45 8.64 -8.83 -1.48
CA TYR A 45 8.90 -7.43 -1.81
C TYR A 45 9.82 -7.36 -3.03
N ASN A 46 9.23 -7.36 -4.21
CA ASN A 46 10.00 -7.56 -5.42
C ASN A 46 10.09 -6.35 -6.34
N TYR A 47 9.28 -5.31 -6.08
CA TYR A 47 9.35 -4.08 -6.89
C TYR A 47 10.33 -3.06 -6.28
N VAL A 48 11.25 -2.56 -7.11
CA VAL A 48 12.17 -1.47 -6.71
C VAL A 48 11.72 -0.23 -7.49
N ILE A 49 11.13 0.71 -6.78
CA ILE A 49 10.44 1.83 -7.42
C ILE A 49 11.25 3.09 -7.29
N ILE A 50 11.65 3.66 -8.44
CA ILE A 50 12.41 4.89 -8.47
C ILE A 50 11.39 6.03 -8.39
N ASP A 51 11.45 6.83 -7.33
CA ASP A 51 10.45 7.89 -7.13
C ASP A 51 10.85 9.18 -7.86
N ASP A 52 10.41 10.35 -7.39
CA ASP A 52 10.63 11.63 -8.07
C ASP A 52 12.13 11.98 -8.10
N CYS A 53 12.50 12.89 -9.01
CA CYS A 53 13.85 13.52 -9.07
C CYS A 53 14.88 12.69 -9.86
N TRP A 54 14.41 11.74 -10.68
CA TRP A 54 15.27 11.01 -11.62
C TRP A 54 15.45 11.77 -12.94
N GLN A 55 14.57 12.75 -13.19
CA GLN A 55 14.39 13.35 -14.51
C GLN A 55 15.54 14.29 -14.91
N LYS A 56 15.88 14.25 -16.20
CA LYS A 56 16.70 15.28 -16.83
C LYS A 56 15.91 16.60 -16.83
N ASN A 57 16.62 17.72 -16.90
CA ASN A 57 15.99 19.04 -16.77
C ASN A 57 15.07 19.44 -17.92
N GLU A 58 15.27 18.85 -19.10
CA GLU A 58 14.43 19.12 -20.26
C GLU A 58 14.27 17.88 -21.11
N ARG A 59 13.18 17.81 -21.87
CA ARG A 59 12.94 16.75 -22.85
C ARG A 59 13.92 16.87 -24.03
N GLU A 60 14.14 15.74 -24.70
CA GLU A 60 14.94 15.71 -25.92
C GLU A 60 14.16 16.39 -27.04
N SER A 61 14.88 16.75 -28.12
CA SER A 61 14.21 17.25 -29.33
C SER A 61 13.17 16.25 -29.83
N SER A 62 13.47 14.97 -29.65
CA SER A 62 12.55 13.88 -29.98
C SER A 62 11.30 13.86 -29.08
N LYS A 63 11.29 14.68 -28.01
CA LYS A 63 10.19 14.78 -27.04
C LYS A 63 10.23 13.75 -25.91
N THR A 64 11.12 12.78 -25.98
CA THR A 64 11.26 11.85 -24.85
C THR A 64 11.95 12.53 -23.67
N LEU A 65 11.69 12.00 -22.48
CA LEU A 65 12.31 12.55 -21.28
C LEU A 65 13.25 11.49 -20.73
N LEU A 66 14.54 11.79 -20.80
CA LEU A 66 15.56 10.86 -20.30
C LEU A 66 15.87 11.17 -18.83
N ALA A 67 16.68 10.29 -18.22
CA ALA A 67 17.08 10.47 -16.83
C ALA A 67 18.25 11.46 -16.71
N ASP A 68 18.39 12.07 -15.54
CA ASP A 68 19.52 12.96 -15.28
C ASP A 68 20.84 12.22 -15.54
N PRO A 69 21.66 12.75 -16.48
CA PRO A 69 22.91 12.06 -16.85
C PRO A 69 23.96 11.97 -15.74
N THR A 70 23.94 12.88 -14.77
CA THR A 70 24.86 12.79 -13.63
C THR A 70 24.45 11.67 -12.68
N LYS A 71 23.17 11.63 -12.30
CA LYS A 71 22.64 10.62 -11.40
C LYS A 71 22.58 9.25 -12.03
N PHE A 72 22.35 9.21 -13.35
CA PHE A 72 22.21 7.97 -14.10
C PHE A 72 23.12 7.98 -15.33
N PRO A 73 24.44 7.81 -15.11
CA PRO A 73 25.40 8.00 -16.21
C PRO A 73 25.30 6.97 -17.34
N ARG A 74 24.66 5.83 -17.11
CA ARG A 74 24.40 4.86 -18.20
C ARG A 74 22.98 4.94 -18.77
N GLY A 75 22.16 5.88 -18.29
CA GLY A 75 20.73 5.86 -18.60
C GLY A 75 20.01 4.88 -17.69
N ILE A 76 18.67 4.88 -17.75
CA ILE A 76 17.86 3.99 -16.91
C ILE A 76 17.93 2.51 -17.33
N LYS A 77 17.93 2.25 -18.64
CA LYS A 77 17.81 0.86 -19.10
C LYS A 77 18.84 -0.11 -18.48
N PRO A 78 20.15 0.26 -18.48
CA PRO A 78 21.13 -0.67 -17.90
C PRO A 78 20.95 -0.90 -16.40
N LEU A 79 20.47 0.11 -15.68
CA LEU A 79 20.09 -0.06 -14.28
C LEU A 79 18.91 -1.04 -14.12
N VAL A 80 17.90 -0.90 -14.96
CA VAL A 80 16.75 -1.83 -14.94
C VAL A 80 17.23 -3.27 -15.23
N ASP A 81 18.17 -3.42 -16.18
CA ASP A 81 18.76 -4.74 -16.47
C ASP A 81 19.43 -5.36 -15.23
N ASP A 82 20.15 -4.54 -14.47
CA ASP A 82 20.79 -4.97 -13.21
C ASP A 82 19.76 -5.39 -12.15
N ILE A 83 18.67 -4.62 -12.05
CA ILE A 83 17.53 -4.97 -11.18
C ILE A 83 16.87 -6.30 -11.62
N HIS A 84 16.58 -6.41 -12.91
CA HIS A 84 16.06 -7.68 -13.45
C HIS A 84 16.97 -8.88 -13.14
N ASN A 85 18.28 -8.69 -13.25
CA ASN A 85 19.27 -9.74 -12.92
C ASN A 85 19.23 -10.21 -11.47
N LEU A 86 18.73 -9.34 -10.59
CA LEU A 86 18.60 -9.71 -9.18
C LEU A 86 17.29 -10.44 -8.92
N GLY A 87 16.47 -10.62 -9.97
CA GLY A 87 15.16 -11.28 -9.83
C GLY A 87 14.12 -10.29 -9.30
N LEU A 88 14.35 -9.00 -9.53
CA LEU A 88 13.47 -7.95 -9.06
C LEU A 88 12.81 -7.25 -10.23
N LYS A 89 11.75 -6.49 -9.96
CA LYS A 89 11.11 -5.68 -11.00
C LYS A 89 11.34 -4.19 -10.74
N ALA A 90 11.30 -3.37 -11.79
CA ALA A 90 11.63 -1.95 -11.68
C ALA A 90 10.41 -1.07 -11.87
N GLY A 91 10.29 -0.06 -11.02
CA GLY A 91 9.22 0.94 -11.13
C GLY A 91 9.78 2.33 -11.37
N ILE A 92 8.95 3.19 -11.94
CA ILE A 92 9.30 4.59 -12.21
C ILE A 92 8.13 5.49 -11.79
N TYR A 93 8.43 6.76 -11.57
CA TYR A 93 7.44 7.74 -11.10
C TYR A 93 7.28 8.85 -12.13
N SER A 94 6.02 9.27 -12.33
CA SER A 94 5.74 10.52 -13.02
C SER A 94 4.47 11.11 -12.41
N SER A 95 3.98 12.19 -13.02
CA SER A 95 2.71 12.80 -12.56
C SER A 95 1.79 13.02 -13.75
N ALA A 96 0.50 12.87 -13.51
CA ALA A 96 -0.52 13.27 -14.48
C ALA A 96 -0.73 14.79 -14.48
N GLY A 97 0.32 15.52 -14.84
CA GLY A 97 0.33 16.97 -14.82
C GLY A 97 1.52 17.42 -15.66
N THR A 98 1.73 18.74 -15.73
CA THR A 98 2.86 19.27 -16.52
C THR A 98 4.19 19.11 -15.78
N LEU A 99 4.12 19.06 -14.45
CA LEU A 99 5.27 18.92 -13.57
C LEU A 99 4.97 17.87 -12.50
N THR A 100 6.04 17.29 -11.95
CA THR A 100 5.88 16.37 -10.83
C THR A 100 5.73 17.19 -9.56
N CYS A 101 5.43 16.51 -8.44
CA CYS A 101 5.30 17.22 -7.16
C CYS A 101 6.61 17.91 -6.78
N GLY A 102 7.73 17.35 -7.22
CA GLY A 102 9.04 17.96 -6.99
C GLY A 102 9.43 19.04 -7.99
N GLY A 103 8.54 19.32 -8.94
CA GLY A 103 8.79 20.38 -9.93
C GLY A 103 9.53 19.97 -11.18
N HIS A 104 9.66 18.65 -11.41
CA HIS A 104 10.30 18.13 -12.63
C HIS A 104 9.30 17.92 -13.76
N ILE A 105 9.81 17.78 -14.99
CA ILE A 105 8.95 17.54 -16.16
C ILE A 105 8.11 16.28 -15.96
N ALA A 106 6.80 16.40 -16.21
CA ALA A 106 5.86 15.28 -16.05
C ALA A 106 5.10 14.99 -17.36
N SER A 107 4.09 14.12 -17.32
CA SER A 107 3.64 13.43 -18.52
C SER A 107 2.31 13.85 -19.16
N LEU A 108 1.60 14.83 -18.59
CA LEU A 108 0.31 15.24 -19.17
C LEU A 108 0.48 15.69 -20.62
N GLY A 109 -0.22 15.06 -21.54
CA GLY A 109 -0.09 15.40 -22.95
C GLY A 109 1.06 14.68 -23.65
N TYR A 110 1.89 13.97 -22.87
CA TYR A 110 2.99 13.18 -23.41
C TYR A 110 2.86 11.72 -23.05
N GLU A 111 1.64 11.26 -22.78
CA GLU A 111 1.45 9.92 -22.18
C GLU A 111 1.98 8.79 -23.10
N ASP A 112 1.65 8.83 -24.39
CA ASP A 112 2.11 7.79 -25.33
C ASP A 112 3.63 7.72 -25.41
N ILE A 113 4.24 8.88 -25.59
CA ILE A 113 5.69 9.02 -25.67
C ILE A 113 6.39 8.51 -24.39
N ASP A 114 5.90 8.92 -23.22
CA ASP A 114 6.55 8.53 -21.98
C ASP A 114 6.38 7.03 -21.69
N ALA A 115 5.18 6.49 -21.94
CA ALA A 115 4.94 5.07 -21.76
C ALA A 115 5.87 4.24 -22.67
N LYS A 116 6.03 4.70 -23.91
CA LYS A 116 6.91 4.03 -24.87
C LYS A 116 8.37 4.02 -24.35
N THR A 117 8.83 5.17 -23.84
CA THR A 117 10.16 5.25 -23.24
C THR A 117 10.33 4.24 -22.10
N TRP A 118 9.36 4.20 -21.19
CA TRP A 118 9.48 3.33 -20.02
C TRP A 118 9.50 1.84 -20.42
N ALA A 119 8.65 1.48 -21.40
CA ALA A 119 8.63 0.11 -21.93
C ALA A 119 9.98 -0.30 -22.54
N LYS A 120 10.59 0.62 -23.28
CA LYS A 120 11.91 0.42 -23.88
C LYS A 120 12.96 0.20 -22.80
N TRP A 121 12.83 0.92 -21.69
CA TRP A 121 13.74 0.76 -20.57
C TRP A 121 13.56 -0.53 -19.80
N GLY A 122 12.44 -1.22 -20.00
CA GLY A 122 12.11 -2.44 -19.25
C GLY A 122 11.34 -2.20 -17.94
N ILE A 123 10.75 -1.02 -17.80
CA ILE A 123 9.97 -0.67 -16.57
C ILE A 123 8.77 -1.61 -16.45
N ASP A 124 8.47 -2.04 -15.21
CA ASP A 124 7.41 -3.01 -14.93
C ASP A 124 6.25 -2.41 -14.11
N TYR A 125 6.33 -1.12 -13.80
CA TYR A 125 5.52 -0.52 -12.72
C TYR A 125 5.59 1.00 -12.85
N LEU A 126 4.43 1.65 -12.86
CA LEU A 126 4.36 3.11 -12.84
C LEU A 126 3.57 3.60 -11.63
N LYS A 127 4.19 4.48 -10.85
CA LYS A 127 3.46 5.31 -9.87
C LYS A 127 3.15 6.68 -10.52
N TYR A 128 1.88 7.05 -10.56
CA TYR A 128 1.44 8.17 -11.41
C TYR A 128 0.67 9.21 -10.57
N ASP A 129 1.36 10.31 -10.27
CA ASP A 129 0.95 11.33 -9.31
C ASP A 129 -0.14 12.29 -9.89
N ASN A 130 -0.51 13.28 -9.09
CA ASN A 130 -1.65 14.15 -9.38
C ASN A 130 -1.29 15.62 -9.21
N CYS A 131 0.00 15.93 -9.14
CA CYS A 131 0.42 17.34 -9.05
C CYS A 131 0.35 18.05 -10.40
N TYR A 132 -0.01 19.34 -10.35
CA TYR A 132 0.04 20.26 -11.51
C TYR A 132 -0.81 19.77 -12.70
N ASN A 133 -2.05 19.39 -12.39
CA ASN A 133 -2.91 18.72 -13.36
C ASN A 133 -3.76 19.68 -14.21
N GLN A 134 -3.54 20.98 -14.04
CA GLN A 134 -4.11 22.00 -14.93
C GLN A 134 -5.65 22.01 -14.86
N GLY A 135 -6.14 21.87 -13.63
CA GLY A 135 -7.58 21.85 -13.35
C GLY A 135 -8.34 20.66 -13.90
N GLN A 136 -7.64 19.60 -14.30
CA GLN A 136 -8.31 18.42 -14.87
C GLN A 136 -8.77 17.41 -13.80
N SER A 137 -9.61 17.89 -12.89
CA SER A 137 -10.13 17.11 -11.77
C SER A 137 -11.33 17.87 -11.22
N GLY A 138 -12.04 17.26 -10.27
CA GLY A 138 -13.23 17.89 -9.65
C GLY A 138 -14.52 17.15 -9.96
N THR A 139 -14.50 16.32 -11.01
CA THR A 139 -15.53 15.31 -11.24
C THR A 139 -14.82 13.98 -11.50
N PRO A 140 -15.50 12.84 -11.21
CA PRO A 140 -14.99 11.52 -11.58
C PRO A 140 -14.61 11.43 -13.06
N LYS A 141 -15.41 12.06 -13.94
CA LYS A 141 -15.14 12.03 -15.38
C LYS A 141 -13.86 12.78 -15.78
N LEU A 142 -13.65 13.97 -15.24
CA LEU A 142 -12.39 14.71 -15.50
C LEU A 142 -11.15 13.93 -15.08
N SER A 143 -11.18 13.39 -13.86
CA SER A 143 -10.02 12.63 -13.37
C SER A 143 -9.87 11.31 -14.14
N TYR A 144 -11.00 10.64 -14.40
CA TYR A 144 -10.99 9.42 -15.22
C TYR A 144 -10.28 9.59 -16.58
N ASP A 145 -10.68 10.62 -17.34
CA ASP A 145 -10.13 10.81 -18.68
C ASP A 145 -8.61 11.03 -18.67
N ARG A 146 -8.13 11.80 -17.69
CA ARG A 146 -6.71 12.07 -17.53
C ARG A 146 -5.90 10.81 -17.19
N TYR A 147 -6.44 9.99 -16.27
CA TYR A 147 -5.77 8.72 -15.89
C TYR A 147 -5.91 7.63 -16.94
N LYS A 148 -7.02 7.65 -17.68
CA LYS A 148 -7.26 6.73 -18.79
C LYS A 148 -6.26 6.96 -19.96
N ALA A 149 -5.90 8.22 -20.22
CA ALA A 149 -4.89 8.55 -21.25
C ALA A 149 -3.58 7.80 -21.00
N MET A 150 -3.13 7.74 -19.73
CA MET A 150 -1.89 6.99 -19.41
C MET A 150 -2.13 5.49 -19.35
N GLY A 151 -3.29 5.07 -18.82
CA GLY A 151 -3.59 3.63 -18.82
C GLY A 151 -3.54 3.05 -20.24
N ASN A 152 -4.16 3.76 -21.19
CA ASN A 152 -4.18 3.36 -22.60
C ASN A 152 -2.75 3.37 -23.18
N ALA A 153 -2.00 4.44 -22.88
CA ALA A 153 -0.60 4.57 -23.30
C ALA A 153 0.28 3.39 -22.87
N LEU A 154 0.20 3.03 -21.58
CA LEU A 154 0.90 1.85 -21.07
C LEU A 154 0.48 0.57 -21.80
N ASN A 155 -0.83 0.35 -21.90
CA ASN A 155 -1.33 -0.83 -22.57
C ASN A 155 -0.79 -1.02 -24.00
N LYS A 156 -0.75 0.08 -24.77
CA LYS A 156 -0.39 -0.02 -26.18
C LYS A 156 1.07 -0.36 -26.44
N THR A 157 1.93 -0.18 -25.44
CA THR A 157 3.34 -0.57 -25.57
C THR A 157 3.48 -2.09 -25.71
N GLY A 158 2.45 -2.82 -25.31
CA GLY A 158 2.52 -4.27 -25.25
C GLY A 158 3.29 -4.82 -24.06
N ARG A 159 3.93 -3.95 -23.26
CA ARG A 159 4.66 -4.42 -22.09
C ARG A 159 3.75 -4.34 -20.84
N PRO A 160 3.59 -5.46 -20.13
CA PRO A 160 2.85 -5.41 -18.86
C PRO A 160 3.53 -4.47 -17.84
N MET A 161 2.81 -3.43 -17.41
CA MET A 161 3.32 -2.49 -16.42
C MET A 161 2.23 -2.23 -15.37
N LEU A 162 2.54 -2.52 -14.11
CA LEU A 162 1.58 -2.32 -13.02
C LEU A 162 1.28 -0.82 -12.89
N TYR A 163 0.01 -0.46 -12.97
CA TYR A 163 -0.41 0.93 -13.01
C TYR A 163 -0.94 1.36 -11.64
N SER A 164 -0.09 2.09 -10.90
CA SER A 164 -0.38 2.52 -9.53
C SER A 164 -0.81 3.98 -9.61
N LEU A 165 -2.10 4.26 -9.37
CA LEU A 165 -2.57 5.65 -9.30
C LEU A 165 -2.14 6.32 -8.03
N CYS A 166 -1.73 7.58 -8.15
CA CYS A 166 -1.41 8.40 -7.00
C CYS A 166 -2.15 9.75 -7.09
N ASN A 167 -3.48 9.72 -6.95
CA ASN A 167 -4.31 10.93 -6.96
C ASN A 167 -5.00 11.21 -5.61
N TRP A 168 -4.57 10.47 -4.58
CA TRP A 168 -4.84 10.79 -3.18
C TRP A 168 -6.33 10.69 -2.82
N GLY A 169 -7.08 9.91 -3.58
CA GLY A 169 -8.53 9.74 -3.37
C GLY A 169 -9.43 10.78 -4.05
N GLU A 170 -8.85 11.69 -4.82
CA GLU A 170 -9.63 12.77 -5.43
C GLU A 170 -10.66 12.22 -6.44
N ASP A 171 -11.92 12.67 -6.31
CA ASP A 171 -13.01 12.23 -7.21
C ASP A 171 -13.36 10.73 -7.15
N GLY A 172 -12.87 10.03 -6.12
CA GLY A 172 -13.24 8.63 -5.88
C GLY A 172 -12.70 7.59 -6.86
N PRO A 173 -11.36 7.38 -6.84
CA PRO A 173 -10.75 6.39 -7.75
C PRO A 173 -11.23 4.95 -7.50
N TRP A 174 -11.69 4.65 -6.27
CA TRP A 174 -12.30 3.34 -5.95
C TRP A 174 -13.55 3.05 -6.81
N ASN A 175 -14.16 4.11 -7.35
CA ASN A 175 -15.24 3.99 -8.34
C ASN A 175 -14.71 4.05 -9.78
N PHE A 176 -13.95 5.10 -10.11
CA PHE A 176 -13.62 5.37 -11.52
C PHE A 176 -12.42 4.61 -12.08
N ALA A 177 -11.51 4.22 -11.22
CA ALA A 177 -10.19 3.73 -11.66
C ALA A 177 -10.08 2.21 -11.64
N SER A 178 -11.14 1.53 -11.20
CA SER A 178 -11.03 0.12 -10.83
C SER A 178 -10.80 -0.83 -12.01
N THR A 179 -11.24 -0.45 -13.21
CA THR A 179 -11.01 -1.33 -14.36
C THR A 179 -9.84 -0.82 -15.22
N ILE A 180 -9.31 0.36 -14.92
CA ILE A 180 -8.24 0.93 -15.76
C ILE A 180 -6.86 1.01 -15.07
N SER A 181 -6.78 0.64 -13.79
CA SER A 181 -5.52 0.67 -13.03
C SER A 181 -5.48 -0.47 -12.03
N ASN A 182 -4.30 -0.72 -11.46
CA ASN A 182 -4.12 -1.82 -10.49
C ASN A 182 -4.26 -1.45 -9.01
N SER A 183 -4.03 -0.18 -8.68
CA SER A 183 -4.19 0.31 -7.32
C SER A 183 -4.31 1.83 -7.35
N TRP A 184 -4.91 2.40 -6.29
CA TRP A 184 -5.14 3.84 -6.23
C TRP A 184 -4.97 4.31 -4.78
N ARG A 185 -4.07 5.28 -4.59
CA ARG A 185 -3.99 6.02 -3.34
C ARG A 185 -5.37 6.57 -2.97
N ILE A 186 -5.74 6.38 -1.71
CA ILE A 186 -7.08 6.81 -1.25
C ILE A 186 -7.05 8.08 -0.40
N SER A 187 -5.86 8.55 -0.04
CA SER A 187 -5.74 9.65 0.91
C SER A 187 -4.50 10.47 0.62
N GLY A 188 -4.39 11.64 1.26
CA GLY A 188 -3.12 12.36 1.35
C GLY A 188 -2.01 11.51 1.98
N ASP A 189 -0.76 11.93 1.79
CA ASP A 189 0.40 11.09 2.14
C ASP A 189 0.45 10.84 3.64
N VAL A 190 0.83 9.61 3.99
CA VAL A 190 1.14 9.27 5.37
C VAL A 190 2.42 10.00 5.77
N TYR A 191 2.58 10.25 7.07
CA TYR A 191 3.89 10.61 7.61
C TYR A 191 4.21 9.75 8.82
N ASP A 192 5.44 9.89 9.33
CA ASP A 192 5.96 8.97 10.34
C ASP A 192 5.41 9.34 11.71
N ASN A 193 4.10 9.21 11.86
CA ASN A 193 3.42 9.64 13.07
C ASN A 193 2.10 8.91 13.28
N PHE A 194 1.85 8.41 14.49
CA PHE A 194 0.71 7.52 14.69
C PHE A 194 -0.67 8.19 14.65
N ASN A 195 -0.82 9.36 15.28
CA ASN A 195 -2.14 9.96 15.37
C ASN A 195 -2.22 11.49 15.43
N ARG A 196 -1.09 12.19 15.25
CA ARG A 196 -1.11 13.66 15.31
C ARG A 196 -1.85 14.26 14.09
N PRO A 197 -2.90 15.07 14.36
CA PRO A 197 -3.57 15.73 13.23
C PRO A 197 -2.69 16.85 12.68
N ASP A 198 -2.91 17.25 11.44
CA ASP A 198 -2.07 18.27 10.83
C ASP A 198 -2.90 19.13 9.89
N PRO A 199 -2.65 20.46 9.83
CA PRO A 199 -3.51 21.31 8.99
C PRO A 199 -3.33 21.04 7.50
N ALA A 200 -2.22 20.41 7.11
CA ALA A 200 -2.00 20.02 5.70
C ALA A 200 -2.79 18.76 5.32
N CYS A 201 -3.35 18.08 6.32
CA CYS A 201 -4.24 16.92 6.08
C CYS A 201 -5.61 17.19 6.74
N PRO A 202 -6.37 18.17 6.20
CA PRO A 202 -7.59 18.58 6.89
C PRO A 202 -8.72 17.54 6.87
N CYS A 203 -8.77 16.70 5.84
CA CYS A 203 -9.92 15.79 5.69
C CYS A 203 -9.82 14.62 6.68
N THR A 204 -10.94 14.25 7.28
CA THR A 204 -10.97 13.05 8.13
C THR A 204 -11.76 11.89 7.49
N THR A 205 -12.37 12.14 6.33
CA THR A 205 -13.17 11.09 5.67
C THR A 205 -12.75 10.93 4.22
N TYR A 206 -13.24 9.84 3.61
CA TYR A 206 -12.98 9.48 2.21
C TYR A 206 -13.34 10.62 1.25
N ASP A 207 -14.28 11.48 1.67
CA ASP A 207 -14.77 12.56 0.80
C ASP A 207 -13.97 13.86 0.98
N CYS A 208 -13.08 14.14 0.03
CA CYS A 208 -12.04 15.14 0.25
C CYS A 208 -11.65 15.88 -1.02
N VAL A 209 -11.60 17.22 -0.95
CA VAL A 209 -11.12 18.00 -2.11
C VAL A 209 -9.70 18.55 -1.92
N LEU A 210 -9.10 18.31 -0.76
CA LEU A 210 -7.72 18.71 -0.49
C LEU A 210 -7.04 17.61 0.31
N ALA A 211 -6.51 16.61 -0.38
CA ALA A 211 -5.95 15.43 0.27
C ALA A 211 -4.72 15.75 1.10
N GLY A 212 -3.86 16.61 0.55
CA GLY A 212 -2.69 17.10 1.27
C GLY A 212 -1.67 16.02 1.63
N PHE A 213 -1.00 16.21 2.75
CA PHE A 213 0.01 15.26 3.24
C PHE A 213 0.13 15.42 4.76
N ARG A 214 1.09 14.74 5.40
CA ARG A 214 1.13 14.69 6.87
C ARG A 214 -0.20 14.15 7.47
N CYS A 215 -0.74 13.11 6.83
CA CYS A 215 -1.88 12.36 7.38
C CYS A 215 -1.35 11.24 8.29
N SER A 216 -1.80 11.23 9.54
CA SER A 216 -1.37 10.21 10.50
C SER A 216 -1.88 8.82 10.11
N VAL A 217 -1.25 7.80 10.69
CA VAL A 217 -1.73 6.40 10.53
C VAL A 217 -3.24 6.30 10.81
N MET A 218 -3.68 6.83 11.96
CA MET A 218 -5.08 6.75 12.37
C MET A 218 -6.02 7.54 11.42
N ASN A 219 -5.55 8.68 10.96
CA ASN A 219 -6.30 9.46 9.95
C ASN A 219 -6.58 8.61 8.71
N ILE A 220 -5.53 7.96 8.19
CA ILE A 220 -5.68 7.13 7.01
C ILE A 220 -6.58 5.92 7.26
N ILE A 221 -6.43 5.25 8.43
CA ILE A 221 -7.30 4.11 8.73
C ILE A 221 -8.80 4.50 8.68
N ASN A 222 -9.14 5.67 9.25
CA ASN A 222 -10.55 6.09 9.28
C ASN A 222 -11.10 6.38 7.89
N LYS A 223 -10.23 6.74 6.96
CA LYS A 223 -10.63 6.89 5.54
C LYS A 223 -10.75 5.55 4.82
N ALA A 224 -9.78 4.67 5.05
CA ALA A 224 -9.73 3.38 4.36
C ALA A 224 -10.95 2.50 4.62
N VAL A 225 -11.50 2.55 5.83
CA VAL A 225 -12.58 1.62 6.21
C VAL A 225 -13.85 1.83 5.37
N ALA A 226 -14.03 3.06 4.85
CA ALA A 226 -15.17 3.38 3.99
C ALA A 226 -15.04 2.77 2.59
N VAL A 227 -13.82 2.57 2.11
CA VAL A 227 -13.62 2.21 0.69
C VAL A 227 -13.15 0.77 0.45
N SER A 228 -12.84 0.06 1.54
CA SER A 228 -12.43 -1.37 1.47
C SER A 228 -13.40 -2.18 0.63
N GLN A 229 -14.69 -1.84 0.74
CA GLN A 229 -15.75 -2.55 0.01
C GLN A 229 -15.51 -2.60 -1.53
N LYS A 230 -14.69 -1.68 -2.07
CA LYS A 230 -14.50 -1.59 -3.52
C LYS A 230 -13.32 -2.40 -4.03
N ALA A 231 -12.46 -2.86 -3.11
CA ALA A 231 -11.20 -3.52 -3.47
C ALA A 231 -11.46 -4.89 -4.04
N ARG A 232 -10.68 -5.29 -5.04
CA ARG A 232 -10.82 -6.60 -5.70
C ARG A 232 -9.44 -7.06 -6.17
N SER A 233 -9.28 -8.35 -6.44
CA SER A 233 -8.06 -8.85 -7.08
C SER A 233 -7.78 -7.98 -8.30
N GLY A 234 -6.53 -7.52 -8.41
CA GLY A 234 -6.08 -6.67 -9.53
C GLY A 234 -6.41 -5.19 -9.40
N GLY A 235 -7.06 -4.76 -8.30
CA GLY A 235 -7.56 -3.39 -8.17
C GLY A 235 -7.74 -3.02 -6.70
N TRP A 236 -6.68 -2.45 -6.12
CA TRP A 236 -6.56 -2.28 -4.67
C TRP A 236 -6.60 -0.83 -4.20
N ASN A 237 -7.14 -0.60 -3.00
CA ASN A 237 -6.93 0.67 -2.29
C ASN A 237 -5.50 0.73 -1.77
N ASP A 238 -4.85 1.88 -1.92
CA ASP A 238 -3.45 2.05 -1.54
C ASP A 238 -3.39 3.04 -0.37
N LEU A 239 -2.92 2.57 0.79
CA LEU A 239 -2.89 3.39 1.99
C LEU A 239 -1.56 4.15 2.14
N ASP A 240 -0.75 4.16 1.07
CA ASP A 240 0.56 4.82 1.01
C ASP A 240 1.62 3.91 1.66
N MET A 241 2.88 4.35 1.61
CA MET A 241 4.04 3.54 1.95
C MET A 241 4.15 3.27 3.44
N LEU A 242 4.87 2.20 3.79
CA LEU A 242 5.13 1.83 5.17
C LEU A 242 6.28 2.67 5.74
N GLU A 243 6.06 3.25 6.91
CA GLU A 243 7.06 4.08 7.62
C GLU A 243 7.96 3.30 8.60
N VAL A 244 7.72 1.98 8.69
CA VAL A 244 8.40 1.13 9.68
C VAL A 244 9.94 1.30 9.69
N GLY A 245 10.47 1.68 10.84
CA GLY A 245 11.91 1.83 11.00
C GLY A 245 12.40 3.25 10.93
N ASN A 246 11.54 4.17 10.48
CA ASN A 246 11.96 5.57 10.34
C ASN A 246 12.14 6.33 11.66
N GLY A 247 11.48 5.85 12.72
CA GLY A 247 11.81 6.34 14.07
C GLY A 247 10.80 7.25 14.77
N GLY A 248 9.83 7.79 14.02
CA GLY A 248 8.83 8.71 14.59
C GLY A 248 7.66 7.99 15.26
N MET A 249 7.62 6.66 15.14
CA MET A 249 6.65 5.84 15.87
C MET A 249 7.40 4.77 16.70
N ASN A 250 6.75 4.26 17.74
CA ASN A 250 7.31 3.14 18.53
C ASN A 250 6.96 1.80 17.87
N GLN A 251 7.46 0.69 18.42
CA GLN A 251 7.24 -0.60 17.77
C GLN A 251 5.77 -1.03 17.69
N GLU A 252 5.01 -0.82 18.77
CA GLU A 252 3.59 -1.19 18.75
C GLU A 252 2.79 -0.33 17.75
N GLU A 253 3.14 0.94 17.65
CA GLU A 253 2.54 1.81 16.61
C GLU A 253 2.83 1.31 15.19
N TYR A 254 4.10 0.96 14.90
CA TYR A 254 4.46 0.34 13.61
C TYR A 254 3.75 -0.98 13.38
N ARG A 255 3.59 -1.77 14.46
CA ARG A 255 2.89 -3.03 14.31
C ARG A 255 1.43 -2.78 13.88
N VAL A 256 0.81 -1.77 14.47
CA VAL A 256 -0.57 -1.42 14.11
C VAL A 256 -0.67 -1.00 12.64
N HIS A 257 0.21 -0.09 12.27
CA HIS A 257 0.34 0.45 10.92
C HIS A 257 0.50 -0.71 9.91
N TYR A 258 1.48 -1.58 10.14
CA TYR A 258 1.70 -2.70 9.22
C TYR A 258 0.50 -3.66 9.17
N THR A 259 -0.03 -4.00 10.33
CA THR A 259 -1.17 -4.94 10.43
C THR A 259 -2.38 -4.48 9.62
N ILE A 260 -2.77 -3.21 9.79
CA ILE A 260 -3.95 -2.70 9.12
C ILE A 260 -3.72 -2.56 7.62
N TRP A 261 -2.56 -2.05 7.20
CA TRP A 261 -2.20 -2.01 5.78
C TRP A 261 -2.26 -3.43 5.18
N ALA A 262 -1.69 -4.41 5.90
CA ALA A 262 -1.70 -5.79 5.40
C ALA A 262 -3.14 -6.33 5.30
N ALA A 263 -3.91 -6.19 6.37
CA ALA A 263 -5.28 -6.79 6.42
C ALA A 263 -6.32 -6.08 5.54
N LEU A 264 -6.08 -4.82 5.21
CA LEU A 264 -6.95 -4.11 4.29
C LEU A 264 -6.53 -4.27 2.82
N LYS A 265 -5.54 -5.16 2.59
CA LYS A 265 -5.05 -5.48 1.25
C LYS A 265 -4.51 -4.24 0.54
N SER A 266 -3.85 -3.35 1.29
CA SER A 266 -3.06 -2.28 0.67
C SER A 266 -1.83 -2.91 -0.01
N PRO A 267 -1.37 -2.31 -1.13
CA PRO A 267 0.03 -2.54 -1.48
C PRO A 267 0.91 -2.33 -0.25
N LEU A 268 1.97 -3.14 -0.13
CA LEU A 268 2.94 -3.00 0.95
C LEU A 268 4.27 -2.55 0.35
N ILE A 269 4.39 -1.24 0.22
CA ILE A 269 5.59 -0.61 -0.36
C ILE A 269 6.41 -0.01 0.77
N LEU A 270 7.60 -0.56 1.00
CA LEU A 270 8.50 -0.08 2.04
C LEU A 270 9.02 1.33 1.73
N GLY A 271 8.88 2.23 2.70
CA GLY A 271 9.25 3.64 2.49
C GLY A 271 10.31 3.96 3.54
N ASN A 272 11.31 3.10 3.62
CA ASN A 272 12.29 3.08 4.70
C ASN A 272 13.72 2.77 4.22
N ASP A 273 14.63 2.48 5.15
CA ASP A 273 16.02 2.12 4.81
C ASP A 273 16.16 0.60 4.76
N VAL A 274 16.57 0.07 3.60
CA VAL A 274 16.74 -1.39 3.45
C VAL A 274 18.22 -1.81 3.57
N THR A 275 19.10 -0.83 3.72
CA THR A 275 20.55 -1.13 3.80
C THR A 275 21.04 -1.38 5.23
N ASN A 276 20.22 -1.01 6.21
CA ASN A 276 20.53 -1.27 7.62
C ASN A 276 19.19 -1.50 8.31
N ILE A 277 18.79 -2.77 8.36
CA ILE A 277 17.49 -3.16 8.87
C ILE A 277 17.69 -3.70 10.28
N THR A 278 17.18 -2.99 11.30
CA THR A 278 17.32 -3.45 12.69
C THR A 278 16.43 -4.66 12.95
N ASN A 279 16.73 -5.39 14.01
CA ASN A 279 15.91 -6.52 14.45
C ASN A 279 14.46 -6.11 14.72
N THR A 280 14.29 -4.90 15.27
CA THR A 280 12.95 -4.40 15.53
C THR A 280 12.14 -4.22 14.23
N THR A 281 12.80 -3.73 13.20
CA THR A 281 12.15 -3.58 11.89
C THR A 281 11.86 -4.96 11.26
N LYS A 282 12.81 -5.88 11.36
CA LYS A 282 12.63 -7.22 10.75
C LYS A 282 11.43 -7.93 11.36
N GLU A 283 11.27 -7.79 12.69
CA GLU A 283 10.12 -8.41 13.39
C GLU A 283 8.79 -7.98 12.77
N ILE A 284 8.70 -6.72 12.37
CA ILE A 284 7.45 -6.16 11.78
C ILE A 284 7.29 -6.48 10.28
N ILE A 285 8.36 -6.37 9.50
CA ILE A 285 8.22 -6.48 8.03
C ILE A 285 8.56 -7.86 7.45
N MET A 286 9.07 -8.77 8.28
CA MET A 286 9.49 -10.08 7.76
C MET A 286 8.74 -11.25 8.36
N ASN A 287 7.51 -11.00 8.78
CA ASN A 287 6.71 -12.06 9.39
C ASN A 287 5.86 -12.70 8.29
N LYS A 288 6.21 -13.91 7.87
CA LYS A 288 5.54 -14.58 6.76
C LYS A 288 4.05 -14.78 6.97
N GLU A 289 3.63 -14.99 8.22
CA GLU A 289 2.22 -15.25 8.52
C GLU A 289 1.37 -13.99 8.34
N VAL A 290 1.94 -12.83 8.66
CA VAL A 290 1.26 -11.54 8.43
C VAL A 290 1.22 -11.22 6.94
N ILE A 291 2.34 -11.39 6.24
CA ILE A 291 2.37 -11.24 4.77
C ILE A 291 1.33 -12.13 4.10
N ALA A 292 1.20 -13.37 4.58
CA ALA A 292 0.20 -14.30 4.04
C ALA A 292 -1.25 -13.79 4.17
N VAL A 293 -1.51 -12.93 5.16
CA VAL A 293 -2.85 -12.31 5.25
C VAL A 293 -3.06 -11.33 4.09
N ASN A 294 -2.07 -10.48 3.85
CA ASN A 294 -2.12 -9.51 2.75
C ASN A 294 -2.23 -10.22 1.40
N GLN A 295 -1.53 -11.34 1.28
CA GLN A 295 -1.43 -12.08 0.02
C GLN A 295 -2.46 -13.20 -0.08
N ASP A 296 -3.42 -13.21 0.84
CA ASP A 296 -4.44 -14.28 0.88
C ASP A 296 -5.26 -14.44 -0.41
N SER A 297 -5.48 -15.70 -0.81
CA SER A 297 -6.18 -16.02 -2.07
C SER A 297 -7.65 -15.60 -2.16
N SER A 298 -8.29 -15.31 -1.03
CA SER A 298 -9.65 -14.78 -1.08
C SER A 298 -9.71 -13.29 -1.44
N PHE A 299 -8.56 -12.60 -1.41
CA PHE A 299 -8.49 -11.21 -1.92
C PHE A 299 -9.47 -10.21 -1.27
N SER A 300 -9.79 -10.43 0.00
CA SER A 300 -10.83 -9.66 0.67
C SER A 300 -10.22 -8.81 1.79
N PRO A 301 -10.42 -7.47 1.76
CA PRO A 301 -10.00 -6.69 2.93
C PRO A 301 -10.81 -7.07 4.17
N ALA A 302 -10.19 -6.95 5.35
CA ALA A 302 -10.95 -7.09 6.60
C ALA A 302 -11.87 -5.87 6.74
N ASN A 303 -13.05 -6.07 7.34
CA ASN A 303 -14.03 -4.99 7.56
C ASN A 303 -13.97 -4.47 8.99
N ARG A 304 -14.20 -3.17 9.21
CA ARG A 304 -14.30 -2.66 10.58
C ARG A 304 -15.72 -2.92 11.12
N ILE A 305 -15.81 -3.80 12.12
CA ILE A 305 -17.08 -4.29 12.65
C ILE A 305 -17.69 -3.28 13.64
N TRP A 306 -16.86 -2.71 14.50
CA TRP A 306 -17.30 -1.64 15.39
C TRP A 306 -16.20 -0.71 15.82
N VAL A 307 -16.62 0.46 16.32
CA VAL A 307 -15.77 1.39 17.05
C VAL A 307 -16.44 1.60 18.41
N LYS A 308 -15.68 1.41 19.49
CA LYS A 308 -16.20 1.62 20.85
C LYS A 308 -15.19 2.49 21.58
N GLY A 309 -15.50 3.78 21.67
CA GLY A 309 -14.52 4.77 22.18
C GLY A 309 -13.31 4.73 21.28
N ASP A 310 -12.14 4.47 21.89
CA ASP A 310 -10.87 4.37 21.15
C ASP A 310 -10.54 2.95 20.67
N GLN A 311 -11.47 2.02 20.88
CA GLN A 311 -11.26 0.63 20.44
C GLN A 311 -11.96 0.32 19.13
N GLN A 312 -11.34 -0.52 18.30
CA GLN A 312 -11.90 -0.93 17.01
C GLN A 312 -11.72 -2.44 16.82
N LEU A 313 -12.70 -3.06 16.17
CA LEU A 313 -12.63 -4.49 15.82
C LEU A 313 -12.68 -4.63 14.29
N PHE A 314 -11.75 -5.40 13.73
CA PHE A 314 -11.77 -5.75 12.31
C PHE A 314 -11.93 -7.26 12.15
N SER A 315 -12.62 -7.66 11.09
CA SER A 315 -12.86 -9.07 10.80
C SER A 315 -12.97 -9.26 9.29
N GLY A 316 -12.28 -10.29 8.77
CA GLY A 316 -12.34 -10.59 7.35
C GLY A 316 -12.12 -12.04 7.01
N ASN A 317 -12.66 -12.50 5.89
CA ASN A 317 -12.38 -13.88 5.45
C ASN A 317 -11.00 -14.06 4.86
N LEU A 318 -10.47 -15.26 5.14
CA LEU A 318 -9.24 -15.76 4.53
C LEU A 318 -9.57 -17.11 3.86
N ALA A 319 -8.58 -17.70 3.19
CA ALA A 319 -8.81 -18.93 2.40
C ALA A 319 -9.22 -20.10 3.30
N ASN A 320 -9.91 -21.09 2.74
CA ASN A 320 -10.21 -22.35 3.46
C ASN A 320 -11.03 -22.15 4.73
N ASN A 321 -12.02 -21.25 4.62
CA ASN A 321 -12.97 -21.00 5.69
C ASN A 321 -12.32 -20.46 6.98
N THR A 322 -11.17 -19.79 6.87
CA THR A 322 -10.56 -19.20 8.06
C THR A 322 -10.89 -17.70 8.11
N GLN A 323 -10.55 -17.04 9.21
CA GLN A 323 -10.95 -15.63 9.44
C GLN A 323 -9.79 -14.87 10.04
N VAL A 324 -9.58 -13.64 9.57
CA VAL A 324 -8.64 -12.76 10.26
C VAL A 324 -9.44 -11.86 11.20
N VAL A 325 -8.94 -11.67 12.41
CA VAL A 325 -9.58 -10.81 13.41
C VAL A 325 -8.52 -9.92 14.01
N ILE A 326 -8.82 -8.62 14.06
CA ILE A 326 -7.89 -7.64 14.66
C ILE A 326 -8.57 -6.83 15.75
N LEU A 327 -7.97 -6.85 16.94
CA LEU A 327 -8.37 -5.95 18.03
C LEU A 327 -7.43 -4.76 17.99
N LEU A 328 -7.97 -3.57 17.86
CA LEU A 328 -7.13 -2.38 17.76
C LEU A 328 -7.48 -1.42 18.89
N ASN A 329 -6.46 -1.03 19.63
CA ASN A 329 -6.58 -0.16 20.78
C ASN A 329 -5.90 1.17 20.47
N ALA A 330 -6.69 2.16 20.04
CA ALA A 330 -6.14 3.49 19.74
C ALA A 330 -5.97 4.38 20.96
N GLY A 331 -6.30 3.84 22.15
CA GLY A 331 -6.15 4.56 23.42
C GLY A 331 -4.71 4.62 23.89
N ASP A 332 -4.43 5.55 24.80
CA ASP A 332 -3.08 5.81 25.31
C ASP A 332 -2.57 4.82 26.36
N SER A 333 -3.43 3.89 26.78
CA SER A 333 -3.06 2.86 27.76
C SER A 333 -3.49 1.49 27.24
N ALA A 334 -2.74 0.45 27.62
CA ALA A 334 -3.09 -0.95 27.35
C ALA A 334 -4.49 -1.26 27.85
N ALA A 335 -5.21 -2.13 27.15
CA ALA A 335 -6.56 -2.49 27.56
C ALA A 335 -6.88 -3.93 27.21
N LYS A 336 -7.76 -4.55 27.99
CA LYS A 336 -8.30 -5.85 27.65
C LYS A 336 -9.47 -5.65 26.68
N MET A 337 -9.36 -6.22 25.48
CA MET A 337 -10.43 -6.07 24.48
C MET A 337 -11.10 -7.42 24.20
N THR A 338 -12.41 -7.38 23.91
CA THR A 338 -13.22 -8.60 23.66
C THR A 338 -13.89 -8.58 22.29
N ALA A 339 -13.71 -9.68 21.55
CA ALA A 339 -14.44 -9.90 20.30
C ALA A 339 -15.38 -11.09 20.51
N THR A 340 -16.65 -10.91 20.15
CA THR A 340 -17.61 -12.00 20.26
C THR A 340 -17.76 -12.66 18.88
N TRP A 341 -18.22 -13.91 18.88
CA TRP A 341 -18.44 -14.64 17.64
C TRP A 341 -19.53 -13.94 16.81
N ASP A 342 -20.56 -13.40 17.48
CA ASP A 342 -21.63 -12.73 16.75
C ASP A 342 -21.11 -11.46 16.04
N ASP A 343 -20.13 -10.79 16.63
CA ASP A 343 -19.54 -9.62 15.97
C ASP A 343 -18.58 -10.03 14.84
N ILE A 344 -17.72 -11.01 15.11
CA ILE A 344 -16.76 -11.49 14.10
C ILE A 344 -17.45 -11.90 12.80
N TRP A 345 -18.58 -12.60 12.93
CA TRP A 345 -19.40 -13.02 11.77
C TRP A 345 -20.75 -12.27 11.68
N VAL A 346 -20.73 -10.97 12.03
CA VAL A 346 -21.96 -10.17 12.01
C VAL A 346 -22.77 -10.25 10.70
N TYR A 347 -22.09 -10.23 9.54
CA TYR A 347 -22.80 -10.20 8.26
C TYR A 347 -23.48 -11.53 7.96
N ASN A 348 -23.10 -12.57 8.69
CA ASN A 348 -23.75 -13.89 8.57
C ASN A 348 -24.93 -14.10 9.51
N LEU A 349 -25.18 -13.18 10.44
CA LEU A 349 -26.30 -13.36 11.38
C LEU A 349 -27.62 -13.54 10.63
N PRO A 350 -28.52 -14.42 11.15
CA PRO A 350 -28.48 -15.16 12.40
C PRO A 350 -27.74 -16.51 12.33
N ASN A 351 -27.12 -16.81 11.19
CA ASN A 351 -26.51 -18.12 10.93
C ASN A 351 -25.11 -18.27 11.52
N VAL A 352 -25.02 -18.06 12.82
CA VAL A 352 -23.74 -18.11 13.53
C VAL A 352 -23.97 -18.92 14.79
N ASP A 353 -23.10 -19.88 15.00
CA ASP A 353 -23.10 -20.66 16.23
C ASP A 353 -22.07 -20.09 17.19
N SER A 354 -22.54 -19.35 18.20
CA SER A 354 -21.64 -18.70 19.16
C SER A 354 -20.94 -19.68 20.08
N SER A 355 -21.48 -20.90 20.19
CA SER A 355 -20.84 -21.93 21.05
C SER A 355 -19.75 -22.73 20.32
N ARG A 356 -19.55 -22.47 19.03
CA ARG A 356 -18.58 -23.23 18.23
C ARG A 356 -17.15 -23.03 18.76
N SER A 357 -16.50 -24.14 19.07
CA SER A 357 -15.11 -24.14 19.55
C SER A 357 -14.17 -24.06 18.38
N ILE A 358 -13.26 -23.07 18.41
CA ILE A 358 -12.39 -22.76 17.28
C ILE A 358 -10.99 -22.40 17.80
N GLU A 359 -9.97 -22.93 17.13
CA GLU A 359 -8.58 -22.60 17.46
C GLU A 359 -8.24 -21.21 16.94
N VAL A 360 -7.59 -20.43 17.79
CA VAL A 360 -7.18 -19.07 17.44
C VAL A 360 -5.67 -18.98 17.53
N ARG A 361 -5.05 -18.46 16.47
CA ARG A 361 -3.59 -18.30 16.43
C ARG A 361 -3.23 -16.82 16.44
N ASP A 362 -2.18 -16.48 17.18
CA ASP A 362 -1.66 -15.11 17.20
C ASP A 362 -0.57 -15.05 16.14
N LEU A 363 -0.81 -14.26 15.09
CA LEU A 363 0.07 -14.24 13.92
C LEU A 363 1.40 -13.51 14.12
N TRP A 364 1.40 -12.51 14.99
CA TRP A 364 2.65 -11.81 15.35
C TRP A 364 3.56 -12.69 16.19
N LYS A 365 2.96 -13.34 17.21
CA LYS A 365 3.71 -14.24 18.11
C LYS A 365 4.00 -15.56 17.42
N GLN A 366 3.23 -15.84 16.36
CA GLN A 366 3.29 -17.12 15.63
C GLN A 366 3.11 -18.30 16.59
N LYS A 367 2.02 -18.26 17.34
CA LYS A 367 1.68 -19.36 18.24
C LYS A 367 0.17 -19.52 18.37
N SER A 368 -0.24 -20.76 18.58
CA SER A 368 -1.62 -21.07 18.89
C SER A 368 -1.98 -20.53 20.27
N LEU A 369 -3.14 -19.90 20.37
CA LEU A 369 -3.67 -19.50 21.67
C LEU A 369 -4.60 -20.56 22.25
N GLY A 370 -4.79 -21.65 21.51
CA GLY A 370 -5.72 -22.71 21.91
C GLY A 370 -7.10 -22.49 21.33
N ASN A 371 -8.07 -23.25 21.81
CA ASN A 371 -9.45 -23.17 21.34
C ASN A 371 -10.28 -22.25 22.24
N PHE A 372 -11.25 -21.57 21.63
CA PHE A 372 -12.17 -20.66 22.32
C PHE A 372 -13.58 -20.87 21.77
N SER A 373 -14.60 -20.57 22.58
CA SER A 373 -15.97 -20.44 22.10
C SER A 373 -16.53 -19.11 22.58
N ASN A 374 -17.54 -18.61 21.88
CA ASN A 374 -18.35 -17.45 22.27
C ASN A 374 -17.69 -16.07 22.11
N HIS A 375 -16.49 -15.93 22.67
CA HIS A 375 -15.78 -14.64 22.67
C HIS A 375 -14.31 -14.90 23.01
N ILE A 376 -13.46 -13.92 22.71
CA ILE A 376 -12.08 -13.97 23.16
C ILE A 376 -11.71 -12.61 23.77
N THR A 377 -11.02 -12.63 24.92
CA THR A 377 -10.58 -11.40 25.56
C THR A 377 -9.05 -11.40 25.65
N LEU A 378 -8.42 -10.34 25.16
CA LEU A 378 -6.95 -10.28 25.13
C LEU A 378 -6.43 -8.90 25.53
N ASP A 379 -5.22 -8.89 26.08
CA ASP A 379 -4.48 -7.64 26.32
C ASP A 379 -4.02 -7.02 25.01
N VAL A 380 -4.32 -5.75 24.82
CA VAL A 380 -3.90 -5.02 23.62
C VAL A 380 -3.14 -3.75 24.06
N PRO A 381 -1.89 -3.59 23.61
CA PRO A 381 -1.08 -2.44 24.01
C PRO A 381 -1.68 -1.10 23.57
N ALA A 382 -1.28 -0.02 24.24
CA ALA A 382 -1.59 1.35 23.78
C ALA A 382 -1.16 1.52 22.31
N HIS A 383 -2.03 2.13 21.50
CA HIS A 383 -1.83 2.31 20.05
C HIS A 383 -1.49 0.99 19.37
N GLY A 384 -2.08 -0.09 19.89
CA GLY A 384 -1.63 -1.44 19.59
C GLY A 384 -2.70 -2.31 18.95
N VAL A 385 -2.25 -3.46 18.45
CA VAL A 385 -3.13 -4.48 17.85
C VAL A 385 -2.84 -5.86 18.41
N ARG A 386 -3.85 -6.73 18.37
CA ARG A 386 -3.62 -8.17 18.36
C ARG A 386 -4.19 -8.68 17.05
N LEU A 387 -3.39 -9.45 16.32
CA LEU A 387 -3.73 -9.94 14.99
C LEU A 387 -3.94 -11.46 15.10
N LEU A 388 -5.17 -11.90 14.83
CA LEU A 388 -5.57 -13.27 15.09
C LEU A 388 -6.03 -13.95 13.83
N LYS A 389 -5.75 -15.25 13.75
CA LYS A 389 -6.37 -16.10 12.73
C LYS A 389 -7.21 -17.19 13.39
N PHE A 390 -8.48 -17.23 13.01
CA PHE A 390 -9.42 -18.27 13.45
C PHE A 390 -9.32 -19.39 12.45
N MET A 391 -9.04 -20.61 12.93
CA MET A 391 -8.72 -21.74 12.05
C MET A 391 -9.95 -22.42 11.47
N ASP A 392 -11.12 -21.95 11.90
CA ASP A 392 -12.39 -22.40 11.37
C ASP A 392 -13.39 -21.26 11.53
N SER A 393 -14.60 -21.48 11.03
CA SER A 393 -15.66 -20.48 11.05
C SER A 393 -16.80 -20.93 11.96
N ALA A 394 -17.47 -19.97 12.60
CA ALA A 394 -18.69 -20.26 13.36
C ALA A 394 -19.97 -20.21 12.50
N THR A 395 -19.83 -19.96 11.20
CA THR A 395 -20.99 -19.79 10.33
C THR A 395 -21.73 -21.13 10.15
N SER A 396 -23.06 -21.09 10.30
CA SER A 396 -23.92 -22.25 10.08
C SER A 396 -24.47 -22.22 8.66
N SER A 397 -24.53 -23.39 8.03
CA SER A 397 -25.23 -23.55 6.73
C SER A 397 -26.67 -23.00 6.76
#